data_4LCO
#
_entry.id   4LCO
#
_cell.length_a   38.030
_cell.length_b   72.880
_cell.length_c   109.970
_cell.angle_alpha   90.000
_cell.angle_beta   90.000
_cell.angle_gamma   90.000
#
_symmetry.space_group_name_H-M   'P 21 21 21'
#
loop_
_entity.id
_entity.type
_entity.pdbx_description
1 polymer 'Cytidine and deoxycytidylate deaminase zinc-binding region'
2 non-polymer 'ZINC ION'
3 non-polymer 4,6-diamino-1,3,5-triazin-2-ol
4 water water
#
_entity_poly.entity_id   1
_entity_poly.type   'polypeptide(L)'
_entity_poly.pdbx_seq_one_letter_code
;GHMNDALHIGLPPFLVQANNEPRVLAAPEARMGYVLELVRANIAADGGPFAAAVFERDSGLLIAAGTNRVVPGRCSAAHA
EILALSLAQAKLDTHDLSADGLPACELVTSAEPCVMCFGAVIWSGVRSLVCAARSDDVEAIGFDEGPRPENWMGGLEARG
ITVTTGLLRDAACALLREYNACNGVIYNARCGVHKGS
;
_entity_poly.pdbx_strand_id   A,B
#
loop_
_chem_comp.id
_chem_comp.type
_chem_comp.name
_chem_comp.formula
6AM non-polymer 4,6-diamino-1,3,5-triazin-2-ol 'C3 H5 N5 O'
ZN non-polymer 'ZINC ION' 'Zn 2'
#
# COMPACT_ATOMS: atom_id res chain seq x y z
N MET A 3 5.41 -9.49 -14.13
CA MET A 3 5.30 -8.31 -15.04
C MET A 3 6.17 -7.10 -14.66
N ASN A 4 6.84 -6.52 -15.65
CA ASN A 4 7.50 -5.23 -15.43
C ASN A 4 7.11 -4.13 -16.40
N ASP A 5 5.82 -4.05 -16.70
CA ASP A 5 5.32 -3.01 -17.57
C ASP A 5 4.21 -2.21 -16.88
N ALA A 6 3.69 -2.77 -15.79
CA ALA A 6 2.66 -2.11 -14.98
C ALA A 6 2.58 -2.74 -13.58
N LEU A 7 2.07 -1.99 -12.59
CA LEU A 7 1.75 -2.59 -11.29
C LEU A 7 0.50 -3.39 -11.54
N HIS A 8 0.61 -4.70 -11.36
CA HIS A 8 -0.50 -5.60 -11.69
C HIS A 8 -0.64 -6.66 -10.65
N ILE A 9 -1.70 -6.59 -9.86
CA ILE A 9 -2.00 -7.64 -8.89
C ILE A 9 -3.24 -8.35 -9.41
N GLY A 10 -3.12 -9.66 -9.61
CA GLY A 10 -4.22 -10.43 -10.20
C GLY A 10 -5.28 -10.76 -9.17
N LEU A 11 -6.53 -10.88 -9.61
CA LEU A 11 -7.64 -11.16 -8.68
C LEU A 11 -8.17 -12.59 -8.89
N PRO A 12 -8.19 -13.42 -7.83
CA PRO A 12 -8.83 -14.76 -7.90
C PRO A 12 -10.29 -14.69 -8.42
N PRO A 13 -10.75 -15.74 -9.13
CA PRO A 13 -12.13 -15.67 -9.64
C PRO A 13 -13.14 -15.18 -8.58
N PHE A 14 -13.08 -15.70 -7.36
CA PHE A 14 -14.09 -15.36 -6.36
C PHE A 14 -14.11 -13.85 -6.07
N LEU A 15 -12.94 -13.25 -6.18
CA LEU A 15 -12.80 -11.85 -5.88
C LEU A 15 -13.27 -11.00 -7.08
N VAL A 16 -13.09 -11.55 -8.29
CA VAL A 16 -13.55 -10.90 -9.52
C VAL A 16 -15.08 -10.86 -9.48
N GLN A 17 -15.63 -11.92 -8.93
CA GLN A 17 -17.07 -12.07 -8.75
C GLN A 17 -17.62 -11.07 -7.75
N ALA A 18 -16.85 -10.89 -6.68
CA ALA A 18 -17.22 -10.01 -5.60
C ALA A 18 -17.32 -8.66 -6.22
N ASN A 19 -16.30 -8.28 -6.99
CA ASN A 19 -16.25 -6.97 -7.59
C ASN A 19 -17.10 -6.89 -8.84
N ASN A 20 -17.68 -8.02 -9.26
CA ASN A 20 -18.56 -8.09 -10.44
C ASN A 20 -20.02 -7.95 -10.10
N GLU A 21 -20.49 -8.74 -9.16
CA GLU A 21 -21.91 -8.85 -8.87
C GLU A 21 -22.43 -7.70 -7.97
N PRO A 22 -23.48 -6.99 -8.43
CA PRO A 22 -24.06 -5.95 -7.59
C PRO A 22 -24.73 -6.52 -6.30
N ARG A 23 -24.88 -5.67 -5.29
CA ARG A 23 -25.12 -6.11 -3.92
C ARG A 23 -25.41 -4.85 -3.05
N VAL A 24 -26.45 -4.92 -2.23
CA VAL A 24 -26.79 -3.80 -1.39
C VAL A 24 -27.05 -4.35 0.00
N LEU A 25 -26.17 -4.02 0.94
CA LEU A 25 -26.23 -4.50 2.31
C LEU A 25 -26.32 -3.30 3.22
N ALA A 26 -27.46 -3.13 3.85
CA ALA A 26 -27.73 -1.86 4.52
C ALA A 26 -27.12 -1.86 5.92
N ALA A 27 -27.48 -2.85 6.73
CA ALA A 27 -27.01 -2.94 8.11
C ALA A 27 -25.51 -3.23 8.18
N PRO A 28 -24.84 -2.68 9.20
CA PRO A 28 -23.39 -2.90 9.40
C PRO A 28 -23.05 -4.37 9.51
N GLU A 29 -23.92 -5.12 10.17
CA GLU A 29 -23.72 -6.55 10.31
C GLU A 29 -23.87 -7.25 8.97
N ALA A 30 -24.74 -6.72 8.11
CA ALA A 30 -24.92 -7.21 6.75
C ALA A 30 -23.63 -7.05 5.89
N ARG A 31 -23.07 -5.84 5.95
CA ARG A 31 -21.77 -5.53 5.34
C ARG A 31 -20.62 -6.37 5.93
N MET A 32 -20.47 -6.38 7.27
CA MET A 32 -19.34 -7.12 7.85
C MET A 32 -19.46 -8.61 7.54
N GLY A 33 -20.69 -9.10 7.45
CA GLY A 33 -20.95 -10.47 7.11
C GLY A 33 -20.42 -10.85 5.74
N TYR A 34 -20.66 -10.01 4.75
CA TYR A 34 -20.12 -10.24 3.42
C TYR A 34 -18.59 -10.19 3.41
N VAL A 35 -18.05 -9.23 4.15
CA VAL A 35 -16.62 -9.07 4.25
C VAL A 35 -15.96 -10.31 4.82
N LEU A 36 -16.61 -10.98 5.77
CA LEU A 36 -16.06 -12.21 6.37
C LEU A 36 -16.31 -13.47 5.53
N GLU A 37 -17.28 -13.44 4.60
CA GLU A 37 -17.43 -14.53 3.61
C GLU A 37 -16.17 -14.61 2.80
N LEU A 38 -15.60 -13.43 2.55
CA LEU A 38 -14.49 -13.26 1.66
C LEU A 38 -13.17 -13.65 2.33
N VAL A 39 -13.09 -13.47 3.64
CA VAL A 39 -11.97 -13.96 4.42
C VAL A 39 -11.84 -15.48 4.23
N ARG A 40 -12.92 -16.25 4.47
CA ARG A 40 -12.76 -17.69 4.42
C ARG A 40 -12.57 -18.06 2.98
N ALA A 41 -13.30 -17.42 2.08
CA ALA A 41 -13.04 -17.57 0.63
C ALA A 41 -11.57 -17.32 0.26
N ASN A 42 -10.96 -16.27 0.80
CA ASN A 42 -9.55 -15.99 0.56
C ASN A 42 -8.63 -17.09 1.10
N ILE A 43 -8.81 -17.47 2.36
CA ILE A 43 -8.02 -18.53 2.97
C ILE A 43 -8.02 -19.79 2.08
N ALA A 44 -9.11 -20.00 1.33
CA ALA A 44 -9.23 -21.14 0.42
C ALA A 44 -8.67 -20.81 -0.95
N ALA A 45 -8.30 -19.56 -1.16
CA ALA A 45 -7.62 -19.20 -2.41
C ALA A 45 -6.16 -18.76 -2.15
N ASP A 46 -5.57 -19.33 -1.10
CA ASP A 46 -4.16 -19.19 -0.76
C ASP A 46 -3.75 -17.87 -0.18
N GLY A 47 -4.73 -16.99 0.03
CA GLY A 47 -4.45 -15.68 0.60
C GLY A 47 -4.48 -15.74 2.12
N GLY A 48 -4.13 -14.62 2.75
CA GLY A 48 -4.24 -14.49 4.19
C GLY A 48 -5.66 -14.25 4.66
N PRO A 49 -5.86 -14.31 5.98
CA PRO A 49 -7.12 -14.26 6.67
C PRO A 49 -7.76 -12.84 6.82
N PHE A 50 -7.69 -12.05 5.73
CA PHE A 50 -8.11 -10.64 5.75
C PHE A 50 -8.83 -10.26 4.48
N ALA A 51 -9.95 -9.55 4.65
CA ALA A 51 -10.70 -9.00 3.52
C ALA A 51 -11.28 -7.64 3.93
N ALA A 52 -11.69 -6.86 2.94
CA ALA A 52 -12.26 -5.54 3.14
C ALA A 52 -13.16 -5.20 1.94
N ALA A 53 -14.10 -4.29 2.16
CA ALA A 53 -14.90 -3.83 1.06
C ALA A 53 -15.15 -2.33 1.16
N VAL A 54 -15.20 -1.68 0.00
CA VAL A 54 -15.72 -0.30 -0.07
C VAL A 54 -17.21 -0.36 -0.37
N PHE A 55 -17.97 0.36 0.44
CA PHE A 55 -19.40 0.49 0.30
C PHE A 55 -19.74 1.96 0.29
N GLU A 56 -20.87 2.31 -0.32
CA GLU A 56 -21.51 3.62 -0.12
C GLU A 56 -22.09 3.65 1.29
N ARG A 57 -21.57 4.53 2.12
CA ARG A 57 -21.94 4.53 3.54
C ARG A 57 -23.45 4.58 3.69
N ASP A 58 -24.12 5.43 2.91
CA ASP A 58 -25.56 5.68 3.03
C ASP A 58 -26.45 5.10 1.95
N SER A 59 -26.18 3.86 1.57
CA SER A 59 -27.09 3.08 0.73
C SER A 59 -26.71 1.59 0.85
N GLY A 60 -25.42 1.36 1.12
CA GLY A 60 -24.86 0.05 1.30
C GLY A 60 -24.53 -0.62 -0.02
N LEU A 61 -24.39 0.19 -1.07
CA LEU A 61 -24.05 -0.33 -2.40
C LEU A 61 -22.61 -0.75 -2.38
N LEU A 62 -22.35 -2.04 -2.62
CA LEU A 62 -20.97 -2.51 -2.69
C LEU A 62 -20.33 -1.86 -3.88
N ILE A 63 -19.21 -1.16 -3.66
CA ILE A 63 -18.46 -0.56 -4.75
C ILE A 63 -17.35 -1.48 -5.22
N ALA A 64 -16.55 -1.97 -4.27
CA ALA A 64 -15.42 -2.86 -4.57
C ALA A 64 -14.86 -3.59 -3.34
N ALA A 65 -14.27 -4.76 -3.58
CA ALA A 65 -13.80 -5.63 -2.51
C ALA A 65 -12.32 -6.01 -2.65
N GLY A 66 -11.69 -6.37 -1.55
CA GLY A 66 -10.25 -6.66 -1.53
C GLY A 66 -9.96 -7.69 -0.46
N THR A 67 -8.88 -8.44 -0.67
CA THR A 67 -8.42 -9.46 0.27
C THR A 67 -6.88 -9.49 0.24
N ASN A 68 -6.24 -10.02 1.29
CA ASN A 68 -4.78 -10.23 1.25
C ASN A 68 -4.29 -11.10 0.09
N ARG A 69 -3.56 -10.49 -0.82
CA ARG A 69 -3.06 -11.21 -1.97
C ARG A 69 -1.55 -11.16 -1.95
N VAL A 70 -1.00 -11.05 -0.74
CA VAL A 70 0.43 -10.78 -0.49
C VAL A 70 1.33 -11.87 -1.11
N VAL A 71 1.19 -13.08 -0.57
CA VAL A 71 1.96 -14.27 -0.94
C VAL A 71 1.64 -14.68 -2.40
N PRO A 72 0.36 -14.92 -2.68
CA PRO A 72 0.14 -15.36 -4.04
C PRO A 72 0.41 -14.27 -5.08
N GLY A 73 0.29 -13.00 -4.72
CA GLY A 73 0.61 -11.90 -5.64
C GLY A 73 2.04 -11.41 -5.53
N ARG A 74 2.78 -11.88 -4.52
CA ARG A 74 4.18 -11.46 -4.25
C ARG A 74 4.29 -9.95 -4.20
N CYS A 75 3.53 -9.36 -3.28
CA CYS A 75 3.41 -7.93 -3.16
C CYS A 75 3.08 -7.64 -1.71
N SER A 76 4.10 -7.32 -0.92
CA SER A 76 3.88 -7.00 0.48
C SER A 76 2.85 -5.87 0.67
N ALA A 77 2.53 -5.21 -0.43
CA ALA A 77 1.66 -4.05 -0.34
C ALA A 77 0.22 -4.44 -0.59
N ALA A 78 0.01 -5.69 -0.97
CA ALA A 78 -1.29 -6.14 -1.43
C ALA A 78 -2.25 -6.59 -0.31
N HIS A 79 -2.29 -5.82 0.77
CA HIS A 79 -3.34 -5.96 1.78
C HIS A 79 -4.73 -5.72 1.24
N ALA A 80 -5.68 -6.39 1.86
CA ALA A 80 -7.11 -6.25 1.58
C ALA A 80 -7.55 -4.81 1.46
N GLU A 81 -7.13 -3.98 2.43
CA GLU A 81 -7.54 -2.61 2.45
C GLU A 81 -7.10 -1.89 1.18
N ILE A 82 -5.86 -2.12 0.80
CA ILE A 82 -5.22 -1.46 -0.34
C ILE A 82 -5.92 -1.84 -1.64
N LEU A 83 -6.29 -3.11 -1.74
CA LEU A 83 -7.00 -3.64 -2.89
C LEU A 83 -8.41 -3.06 -2.91
N ALA A 84 -9.16 -3.27 -1.83
CA ALA A 84 -10.50 -2.74 -1.69
C ALA A 84 -10.56 -1.26 -2.05
N LEU A 85 -9.69 -0.47 -1.44
CA LEU A 85 -9.63 0.94 -1.71
C LEU A 85 -9.23 1.25 -3.16
N SER A 86 -8.26 0.53 -3.69
CA SER A 86 -7.79 0.85 -5.02
C SER A 86 -8.81 0.44 -6.10
N LEU A 87 -9.43 -0.72 -5.94
CA LEU A 87 -10.40 -1.17 -6.93
C LEU A 87 -11.65 -0.30 -6.88
N ALA A 88 -11.85 0.35 -5.73
CA ALA A 88 -12.96 1.28 -5.57
C ALA A 88 -12.62 2.56 -6.31
N GLN A 89 -11.39 2.99 -6.15
CA GLN A 89 -10.93 4.19 -6.86
C GLN A 89 -10.95 3.96 -8.38
N ALA A 90 -10.56 2.76 -8.82
CA ALA A 90 -10.54 2.48 -10.25
C ALA A 90 -11.95 2.39 -10.85
N LYS A 91 -12.85 1.71 -10.15
CA LYS A 91 -14.23 1.59 -10.62
C LYS A 91 -14.89 2.97 -10.70
N LEU A 92 -14.62 3.81 -9.72
CA LEU A 92 -15.26 5.10 -9.65
C LEU A 92 -14.49 6.18 -10.40
N ASP A 93 -13.40 5.79 -11.06
CA ASP A 93 -12.59 6.69 -11.94
C ASP A 93 -11.93 7.89 -11.24
N THR A 94 -11.37 7.69 -10.05
CA THR A 94 -10.77 8.80 -9.29
C THR A 94 -9.82 8.33 -8.17
N HIS A 95 -8.80 9.12 -7.91
CA HIS A 95 -7.94 8.91 -6.73
C HIS A 95 -8.62 9.35 -5.44
N ASP A 96 -9.64 10.18 -5.56
CA ASP A 96 -10.28 10.67 -4.38
C ASP A 96 -11.72 10.15 -4.15
N LEU A 97 -11.86 9.21 -3.24
CA LEU A 97 -13.16 8.66 -2.99
C LEU A 97 -14.18 9.71 -2.43
N SER A 98 -13.70 10.90 -2.10
CA SER A 98 -14.60 11.96 -1.59
C SER A 98 -14.67 13.21 -2.49
N ALA A 99 -14.04 13.15 -3.67
CA ALA A 99 -14.21 14.19 -4.71
C ALA A 99 -15.69 14.50 -4.95
N ASP A 100 -15.99 15.78 -5.21
CA ASP A 100 -17.38 16.22 -5.43
C ASP A 100 -18.07 15.42 -6.51
N GLY A 101 -19.32 15.04 -6.27
CA GLY A 101 -20.06 14.14 -7.17
C GLY A 101 -20.24 12.72 -6.63
N LEU A 102 -19.19 12.21 -5.98
CA LEU A 102 -19.23 10.89 -5.40
C LEU A 102 -19.87 10.93 -4.02
N PRO A 103 -20.65 9.89 -3.68
CA PRO A 103 -21.20 9.69 -2.33
C PRO A 103 -20.12 9.41 -1.28
N ALA A 104 -20.46 9.53 -0.01
CA ALA A 104 -19.53 9.21 1.05
C ALA A 104 -19.25 7.72 0.94
N CYS A 105 -17.98 7.35 1.06
CA CYS A 105 -17.61 5.94 1.08
C CYS A 105 -17.23 5.47 2.48
N GLU A 106 -17.44 4.17 2.70
CA GLU A 106 -17.13 3.46 3.93
C GLU A 106 -16.23 2.25 3.64
N LEU A 107 -15.22 2.03 4.47
CA LEU A 107 -14.35 0.85 4.27
C LEU A 107 -14.57 -0.20 5.34
N VAL A 108 -15.23 -1.30 4.97
CA VAL A 108 -15.50 -2.38 5.93
C VAL A 108 -14.36 -3.43 5.98
N THR A 109 -13.61 -3.48 7.09
CA THR A 109 -12.50 -4.43 7.23
C THR A 109 -12.67 -5.47 8.31
N SER A 110 -12.23 -6.68 8.01
CA SER A 110 -12.25 -7.85 8.86
C SER A 110 -11.22 -7.75 10.00
N ALA A 111 -10.37 -6.72 9.98
CA ALA A 111 -9.49 -6.46 11.11
C ALA A 111 -8.97 -5.04 11.09
N GLU A 112 -8.65 -4.53 12.27
CA GLU A 112 -8.01 -3.25 12.43
C GLU A 112 -6.78 -3.15 11.51
N PRO A 113 -6.65 -2.01 10.79
CA PRO A 113 -5.66 -1.80 9.73
C PRO A 113 -4.26 -1.57 10.26
N CYS A 114 -3.25 -2.13 9.58
CA CYS A 114 -1.85 -1.93 9.92
C CYS A 114 -1.46 -0.50 9.50
N VAL A 115 -0.28 -0.04 9.91
CA VAL A 115 0.09 1.35 9.65
C VAL A 115 0.00 1.72 8.18
N MET A 116 0.51 0.87 7.29
CA MET A 116 0.45 1.16 5.87
C MET A 116 -1.00 1.51 5.45
N CYS A 117 -1.96 0.64 5.82
CA CYS A 117 -3.34 0.77 5.41
C CYS A 117 -4.02 1.82 6.25
N PHE A 118 -3.45 2.10 7.42
CA PHE A 118 -3.87 3.26 8.19
C PHE A 118 -3.68 4.59 7.41
N GLY A 119 -2.49 4.78 6.84
CA GLY A 119 -2.19 5.82 5.88
C GLY A 119 -3.09 5.75 4.65
N ALA A 120 -3.12 4.59 3.99
CA ALA A 120 -4.05 4.34 2.86
C ALA A 120 -5.44 4.86 3.09
N VAL A 121 -5.92 4.71 4.33
CA VAL A 121 -7.26 5.11 4.71
C VAL A 121 -7.33 6.66 4.69
N ILE A 122 -6.30 7.30 5.23
CA ILE A 122 -6.27 8.75 5.31
C ILE A 122 -6.35 9.42 3.92
N TRP A 123 -5.76 8.78 2.91
CA TRP A 123 -5.68 9.31 1.55
C TRP A 123 -6.76 8.77 0.66
N SER A 124 -7.29 7.59 1.00
CA SER A 124 -8.36 6.98 0.19
C SER A 124 -9.46 7.96 -0.25
N GLY A 125 -10.05 8.68 0.68
CA GLY A 125 -11.19 9.52 0.40
C GLY A 125 -12.36 9.04 1.24
N VAL A 126 -12.25 7.82 1.80
CA VAL A 126 -13.35 7.23 2.62
C VAL A 126 -13.67 8.13 3.79
N ARG A 127 -14.91 8.11 4.26
CA ARG A 127 -15.33 8.93 5.44
C ARG A 127 -15.49 8.12 6.70
N SER A 128 -15.35 6.80 6.57
CA SER A 128 -15.70 5.87 7.62
C SER A 128 -15.01 4.55 7.40
N LEU A 129 -14.53 3.97 8.50
CA LEU A 129 -13.87 2.69 8.54
C LEU A 129 -14.50 1.85 9.65
N VAL A 130 -15.06 0.71 9.25
CA VAL A 130 -15.68 -0.20 10.18
C VAL A 130 -14.83 -1.49 10.32
N CYS A 131 -14.31 -1.73 11.52
CA CYS A 131 -13.44 -2.88 11.77
C CYS A 131 -14.10 -4.08 12.49
N ALA A 132 -13.58 -5.28 12.24
CA ALA A 132 -14.06 -6.49 12.90
C ALA A 132 -13.10 -6.89 14.02
N ALA A 133 -12.02 -7.56 13.67
CA ALA A 133 -11.07 -8.05 14.65
C ALA A 133 -10.15 -6.95 15.20
N ARG A 134 -9.92 -6.97 16.50
CA ARG A 134 -9.13 -5.95 17.15
C ARG A 134 -7.66 -6.13 16.82
N SER A 135 -6.90 -5.07 17.01
CA SER A 135 -5.47 -5.12 16.80
C SER A 135 -4.85 -6.29 17.54
N ASP A 136 -5.31 -6.51 18.78
CA ASP A 136 -4.78 -7.60 19.60
C ASP A 136 -5.02 -8.98 19.00
N ASP A 137 -6.23 -9.18 18.50
CA ASP A 137 -6.58 -10.45 17.92
C ASP A 137 -5.60 -10.82 16.80
N VAL A 138 -5.23 -9.84 15.98
CA VAL A 138 -4.37 -10.08 14.82
C VAL A 138 -2.92 -10.35 15.23
N GLU A 139 -2.45 -9.61 16.24
CA GLU A 139 -1.12 -9.76 16.87
C GLU A 139 -0.95 -11.16 17.51
N ALA A 140 -2.02 -11.64 18.15
CA ALA A 140 -2.06 -12.94 18.85
C ALA A 140 -1.69 -14.10 17.96
N ILE A 141 -2.23 -14.12 16.75
CA ILE A 141 -1.88 -15.20 15.80
C ILE A 141 -0.64 -14.90 14.96
N GLY A 142 0.06 -13.80 15.22
CA GLY A 142 1.36 -13.59 14.58
C GLY A 142 1.53 -12.31 13.79
N PHE A 143 0.72 -12.15 12.75
CA PHE A 143 0.63 -10.92 11.95
C PHE A 143 0.89 -9.68 12.75
N ASP A 144 1.69 -8.80 12.17
CA ASP A 144 2.12 -7.58 12.83
C ASP A 144 1.34 -6.35 12.35
N GLU A 145 0.80 -5.58 13.29
CA GLU A 145 0.18 -4.30 12.95
C GLU A 145 1.18 -3.21 12.55
N GLY A 146 2.39 -3.27 13.10
CA GLY A 146 3.37 -2.24 12.81
C GLY A 146 3.20 -1.04 13.72
N PRO A 147 4.17 -0.10 13.68
CA PRO A 147 4.12 1.06 14.59
C PRO A 147 3.12 2.07 14.11
N ARG A 148 1.86 1.95 14.57
CA ARG A 148 0.88 2.99 14.30
C ARG A 148 1.17 4.14 15.25
N PRO A 149 0.95 5.38 14.79
CA PRO A 149 1.16 6.49 15.71
C PRO A 149 0.32 6.25 16.97
N GLU A 150 0.80 6.70 18.14
CA GLU A 150 0.00 6.60 19.35
C GLU A 150 -1.34 7.29 19.10
N ASN A 151 -2.42 6.65 19.51
CA ASN A 151 -3.79 7.14 19.26
C ASN A 151 -4.17 7.40 17.76
N TRP A 152 -3.77 6.47 16.90
CA TRP A 152 -4.20 6.44 15.50
C TRP A 152 -5.69 6.52 15.32
N MET A 153 -6.45 5.97 16.26
CA MET A 153 -7.91 6.00 16.19
C MET A 153 -8.42 7.41 16.23
N GLY A 154 -7.89 8.20 17.15
CA GLY A 154 -8.29 9.59 17.33
C GLY A 154 -7.68 10.40 16.21
N GLY A 155 -6.50 9.96 15.78
CA GLY A 155 -5.84 10.53 14.62
C GLY A 155 -6.71 10.49 13.36
N LEU A 156 -7.41 9.39 13.13
CA LEU A 156 -8.35 9.22 12.03
C LEU A 156 -9.60 10.03 12.23
N GLU A 157 -10.08 10.07 13.48
CA GLU A 157 -11.34 10.73 13.81
C GLU A 157 -11.22 12.22 13.68
N ALA A 158 -10.01 12.70 13.97
CA ALA A 158 -9.68 14.10 13.76
C ALA A 158 -9.68 14.49 12.26
N ARG A 159 -9.51 13.52 11.36
CA ARG A 159 -9.60 13.80 9.92
C ARG A 159 -11.00 13.57 9.32
N GLY A 160 -12.01 13.54 10.17
CA GLY A 160 -13.40 13.38 9.73
C GLY A 160 -13.69 11.97 9.26
N ILE A 161 -12.76 11.05 9.57
CA ILE A 161 -12.93 9.63 9.23
C ILE A 161 -13.39 8.96 10.50
N THR A 162 -14.61 8.43 10.50
CA THR A 162 -15.15 7.79 11.71
C THR A 162 -14.70 6.34 11.88
N VAL A 163 -14.39 5.96 13.11
CA VAL A 163 -13.90 4.61 13.42
C VAL A 163 -14.89 3.80 14.27
N THR A 164 -15.10 2.56 13.85
CA THR A 164 -15.90 1.60 14.57
C THR A 164 -15.16 0.28 14.51
N THR A 165 -14.91 -0.33 15.68
CA THR A 165 -14.22 -1.63 15.72
C THR A 165 -14.96 -2.74 16.50
N GLY A 166 -14.54 -3.99 16.31
CA GLY A 166 -15.10 -5.08 17.07
C GLY A 166 -16.43 -5.58 16.57
N LEU A 167 -16.88 -5.13 15.39
CA LEU A 167 -18.15 -5.57 14.84
C LEU A 167 -18.03 -6.98 14.28
N LEU A 168 -18.84 -7.91 14.76
CA LEU A 168 -18.69 -9.34 14.39
C LEU A 168 -17.25 -9.87 14.73
N ARG A 169 -16.72 -9.33 15.83
CA ARG A 169 -15.40 -9.65 16.34
C ARG A 169 -15.23 -11.15 16.60
N ASP A 170 -16.31 -11.74 17.11
CA ASP A 170 -16.39 -13.13 17.45
C ASP A 170 -16.07 -14.04 16.24
N ALA A 171 -16.89 -13.90 15.19
CA ALA A 171 -16.68 -14.63 13.94
C ALA A 171 -15.35 -14.26 13.26
N ALA A 172 -15.00 -12.97 13.31
CA ALA A 172 -13.69 -12.56 12.90
C ALA A 172 -12.63 -13.40 13.63
N CYS A 173 -12.69 -13.44 14.97
CA CYS A 173 -11.73 -14.23 15.75
C CYS A 173 -11.69 -15.70 15.39
N ALA A 174 -12.86 -16.25 15.08
CA ALA A 174 -12.94 -17.67 14.76
C ALA A 174 -12.30 -17.93 13.41
N LEU A 175 -12.49 -17.03 12.44
CA LEU A 175 -11.89 -17.20 11.11
C LEU A 175 -10.38 -17.06 11.20
N LEU A 176 -9.90 -16.30 12.20
CA LEU A 176 -8.46 -16.09 12.40
C LEU A 176 -7.77 -17.33 12.96
N ARG A 177 -8.35 -17.94 13.97
CA ARG A 177 -7.77 -19.12 14.56
C ARG A 177 -7.75 -20.34 13.62
N GLU A 178 -8.80 -20.54 12.81
CA GLU A 178 -8.84 -21.70 11.90
C GLU A 178 -7.84 -21.57 10.72
N TYR A 179 -7.44 -20.34 10.42
CA TYR A 179 -6.33 -20.11 9.50
C TYR A 179 -5.03 -20.51 10.18
N ASN A 180 -4.86 -20.09 11.44
CA ASN A 180 -3.70 -20.48 12.27
C ASN A 180 -3.57 -21.99 12.40
N ALA A 181 -4.66 -22.64 12.81
CA ALA A 181 -4.70 -24.09 12.96
C ALA A 181 -4.44 -24.85 11.65
N CYS A 182 -4.64 -24.21 10.51
CA CYS A 182 -4.23 -24.75 9.22
C CYS A 182 -3.26 -23.75 8.60
N ASN A 183 -2.06 -23.64 9.17
CA ASN A 183 -1.05 -22.71 8.67
C ASN A 183 0.29 -23.40 8.51
N GLY A 184 0.52 -24.43 9.33
CA GLY A 184 1.75 -25.22 9.26
C GLY A 184 1.92 -25.95 7.93
N VAL A 185 3.01 -26.72 7.84
CA VAL A 185 3.39 -27.35 6.58
C VAL A 185 2.98 -28.82 6.47
N ILE A 186 2.91 -29.50 7.62
CA ILE A 186 2.50 -30.90 7.71
C ILE A 186 1.02 -31.02 7.35
N TYR A 187 0.68 -31.92 6.45
CA TYR A 187 -0.68 -32.02 5.93
C TYR A 187 -1.73 -32.51 6.94
N ASN A 188 -2.67 -31.63 7.23
CA ASN A 188 -3.83 -31.93 8.03
C ASN A 188 -5.08 -31.96 7.12
N ALA A 189 -5.55 -33.18 6.86
CA ALA A 189 -6.53 -33.46 5.81
C ALA A 189 -7.84 -32.71 6.03
N ARG A 190 -8.03 -32.29 7.27
CA ARG A 190 -9.23 -31.57 7.71
C ARG A 190 -9.32 -30.15 7.17
N CYS A 191 -8.21 -29.68 6.59
CA CYS A 191 -8.05 -28.31 6.06
C CYS A 191 -8.41 -28.16 4.57
N GLY B 1 -5.86 2.24 -15.19
CA GLY B 1 -6.56 2.01 -13.89
C GLY B 1 -7.55 0.85 -13.87
N HIS B 2 -8.74 1.09 -14.43
CA HIS B 2 -9.87 0.16 -14.35
C HIS B 2 -9.74 -1.08 -15.19
N MET B 3 -10.08 -2.23 -14.60
CA MET B 3 -10.16 -3.55 -15.28
C MET B 3 -11.16 -4.43 -14.48
N ASN B 4 -10.90 -5.72 -14.34
CA ASN B 4 -11.74 -6.58 -13.50
C ASN B 4 -11.04 -7.81 -12.95
N ASP B 5 -10.31 -8.54 -13.80
CA ASP B 5 -9.51 -9.68 -13.33
C ASP B 5 -8.26 -9.21 -12.58
N ALA B 6 -8.01 -7.90 -12.57
CA ALA B 6 -6.84 -7.36 -11.87
C ALA B 6 -6.93 -5.89 -11.42
N LEU B 7 -6.19 -5.57 -10.37
CA LEU B 7 -5.81 -4.20 -10.05
C LEU B 7 -4.53 -3.91 -10.83
N HIS B 8 -4.63 -2.89 -11.70
CA HIS B 8 -3.65 -2.60 -12.74
C HIS B 8 -3.35 -1.14 -12.80
N ILE B 9 -2.10 -0.78 -12.58
CA ILE B 9 -1.67 0.58 -12.81
C ILE B 9 -0.52 0.61 -13.80
N GLY B 10 -0.87 1.02 -15.04
CA GLY B 10 0.03 1.28 -16.16
C GLY B 10 1.06 2.36 -15.89
N LEU B 11 2.18 2.27 -16.56
CA LEU B 11 3.27 3.17 -16.30
C LEU B 11 3.62 3.90 -17.57
N PRO B 12 4.05 5.17 -17.45
CA PRO B 12 4.43 5.91 -18.66
C PRO B 12 5.74 5.36 -19.20
N PRO B 13 6.00 5.59 -20.51
CA PRO B 13 7.20 5.00 -21.19
C PRO B 13 8.53 5.11 -20.42
N PHE B 14 8.79 6.25 -19.77
CA PHE B 14 10.08 6.38 -19.06
C PHE B 14 10.22 5.41 -17.87
N LEU B 15 9.11 5.16 -17.17
CA LEU B 15 9.10 4.29 -15.99
C LEU B 15 9.26 2.87 -16.45
N VAL B 16 8.47 2.49 -17.46
CA VAL B 16 8.60 1.18 -18.12
C VAL B 16 10.05 1.02 -18.54
N GLN B 17 10.57 2.05 -19.21
CA GLN B 17 11.95 2.03 -19.68
C GLN B 17 12.98 1.91 -18.56
N ALA B 18 12.71 2.54 -17.42
CA ALA B 18 13.59 2.50 -16.26
C ALA B 18 13.64 1.12 -15.57
N ASN B 19 12.54 0.38 -15.68
CA ASN B 19 12.29 -0.91 -15.02
C ASN B 19 12.76 -2.08 -15.89
N ASN B 20 13.22 -1.77 -17.11
CA ASN B 20 13.59 -2.78 -18.10
C ASN B 20 14.87 -2.48 -18.87
N GLU B 21 15.53 -1.41 -18.49
CA GLU B 21 16.83 -1.18 -19.03
C GLU B 21 17.85 -1.35 -17.91
N PRO B 22 18.92 -2.10 -18.18
CA PRO B 22 19.95 -2.47 -17.21
C PRO B 22 20.72 -1.25 -16.69
N ARG B 23 21.00 -1.21 -15.38
CA ARG B 23 21.66 -0.05 -14.79
C ARG B 23 22.34 -0.31 -13.43
N VAL B 24 23.63 0.03 -13.35
CA VAL B 24 24.42 -0.25 -12.14
C VAL B 24 25.02 1.04 -11.57
N LEU B 25 24.37 1.56 -10.54
CA LEU B 25 24.71 2.84 -9.95
C LEU B 25 25.33 2.63 -8.61
N ALA B 26 26.65 2.47 -8.56
CA ALA B 26 27.32 2.03 -7.32
C ALA B 26 27.24 3.07 -6.21
N ALA B 27 27.71 4.29 -6.45
CA ALA B 27 27.66 5.35 -5.45
C ALA B 27 26.23 5.82 -5.07
N PRO B 28 25.98 6.06 -3.77
CA PRO B 28 24.69 6.55 -3.27
C PRO B 28 24.14 7.72 -4.07
N GLU B 29 25.00 8.67 -4.41
CA GLU B 29 24.56 9.85 -5.13
C GLU B 29 24.23 9.54 -6.57
N ALA B 30 24.88 8.51 -7.13
CA ALA B 30 24.55 8.02 -8.47
C ALA B 30 23.11 7.48 -8.51
N ARG B 31 22.74 6.73 -7.47
CA ARG B 31 21.37 6.23 -7.33
C ARG B 31 20.39 7.39 -7.17
N MET B 32 20.69 8.29 -6.23
CA MET B 32 19.77 9.37 -5.97
C MET B 32 19.62 10.26 -7.22
N GLY B 33 20.71 10.45 -7.95
CA GLY B 33 20.73 11.33 -9.11
C GLY B 33 19.80 10.75 -10.14
N TYR B 34 19.91 9.45 -10.36
CA TYR B 34 19.03 8.81 -11.33
C TYR B 34 17.56 8.89 -10.89
N VAL B 35 17.32 8.73 -9.59
CA VAL B 35 15.98 8.87 -9.04
C VAL B 35 15.43 10.25 -9.35
N LEU B 36 16.28 11.27 -9.29
CA LEU B 36 15.82 12.63 -9.57
C LEU B 36 15.57 12.84 -11.06
N GLU B 37 16.34 12.19 -11.92
CA GLU B 37 16.01 12.20 -13.35
C GLU B 37 14.58 11.71 -13.53
N LEU B 38 14.21 10.65 -12.80
CA LEU B 38 12.85 10.14 -12.87
C LEU B 38 11.80 11.13 -12.33
N VAL B 39 12.04 11.75 -11.16
CA VAL B 39 11.06 12.71 -10.66
C VAL B 39 10.65 13.67 -11.79
N ARG B 40 11.63 14.15 -12.56
CA ARG B 40 11.45 15.18 -13.57
C ARG B 40 10.70 14.57 -14.75
N ALA B 41 11.11 13.38 -15.15
CA ALA B 41 10.34 12.65 -16.14
C ALA B 41 8.88 12.55 -15.69
N ASN B 42 8.65 12.34 -14.39
CA ASN B 42 7.28 12.21 -13.88
C ASN B 42 6.37 13.45 -14.04
N ILE B 43 6.94 14.62 -13.74
CA ILE B 43 6.22 15.89 -13.89
C ILE B 43 5.85 16.07 -15.36
N ALA B 44 6.80 15.75 -16.23
CA ALA B 44 6.57 15.93 -17.63
C ALA B 44 5.43 14.98 -18.03
N ALA B 45 5.26 13.93 -17.24
CA ALA B 45 4.27 12.87 -17.53
C ALA B 45 3.04 12.94 -16.61
N ASP B 46 2.71 14.16 -16.17
CA ASP B 46 1.49 14.47 -15.40
C ASP B 46 1.42 13.80 -14.04
N GLY B 47 2.58 13.60 -13.41
CA GLY B 47 2.62 13.02 -12.07
C GLY B 47 3.27 13.89 -11.00
N GLY B 48 3.09 13.51 -9.73
CA GLY B 48 3.62 14.28 -8.62
C GLY B 48 5.15 14.27 -8.59
N PRO B 49 5.77 15.24 -7.89
CA PRO B 49 7.23 15.40 -7.80
C PRO B 49 7.93 14.37 -6.88
N PHE B 50 7.59 13.10 -7.06
CA PHE B 50 8.21 12.04 -6.30
C PHE B 50 8.53 10.85 -7.18
N ALA B 51 9.66 10.25 -6.85
CA ALA B 51 10.15 9.04 -7.48
C ALA B 51 10.99 8.26 -6.46
N ALA B 52 11.23 6.99 -6.77
CA ALA B 52 11.93 6.08 -5.91
C ALA B 52 12.38 4.89 -6.72
N ALA B 53 13.34 4.15 -6.19
CA ALA B 53 13.78 2.94 -6.84
C ALA B 53 14.51 1.98 -5.88
N VAL B 54 14.26 0.69 -6.06
CA VAL B 54 14.93 -0.29 -5.28
C VAL B 54 16.17 -0.76 -6.03
N PHE B 55 17.34 -0.57 -5.41
CA PHE B 55 18.60 -1.14 -5.91
C PHE B 55 19.06 -2.22 -4.94
N GLU B 56 19.95 -3.10 -5.41
CA GLU B 56 20.62 -4.04 -4.54
C GLU B 56 21.63 -3.23 -3.76
N ARG B 57 21.57 -3.31 -2.45
CA ARG B 57 22.35 -2.45 -1.54
C ARG B 57 23.85 -2.25 -1.88
N ASP B 58 24.54 -3.31 -2.26
CA ASP B 58 25.98 -3.23 -2.44
C ASP B 58 26.39 -2.91 -3.89
N SER B 59 25.98 -3.73 -4.86
CA SER B 59 26.29 -3.50 -6.28
C SER B 59 25.73 -2.19 -6.91
N GLY B 60 24.53 -1.80 -6.51
CA GLY B 60 23.86 -0.70 -7.15
C GLY B 60 23.21 -1.08 -8.47
N LEU B 61 22.82 -2.34 -8.58
CA LEU B 61 21.93 -2.77 -9.66
C LEU B 61 20.48 -2.33 -9.43
N LEU B 62 19.94 -1.60 -10.40
CA LEU B 62 18.55 -1.11 -10.36
C LEU B 62 17.63 -2.29 -10.56
N ILE B 63 16.69 -2.50 -9.63
CA ILE B 63 15.76 -3.64 -9.73
C ILE B 63 14.45 -3.09 -10.25
N ALA B 64 13.92 -2.12 -9.53
CA ALA B 64 12.72 -1.50 -9.97
C ALA B 64 12.77 -0.03 -9.65
N ALA B 65 11.87 0.72 -10.29
CA ALA B 65 11.66 2.12 -9.98
C ALA B 65 10.17 2.48 -10.03
N GLY B 66 9.80 3.57 -9.37
CA GLY B 66 8.40 4.00 -9.38
C GLY B 66 8.30 5.48 -9.19
N THR B 67 7.19 6.05 -9.60
CA THR B 67 6.95 7.48 -9.46
C THR B 67 5.53 7.66 -8.93
N ASN B 68 5.18 8.82 -8.41
CA ASN B 68 3.79 9.07 -8.17
C ASN B 68 2.88 9.01 -9.42
N ARG B 69 1.87 8.16 -9.37
CA ARG B 69 0.95 8.08 -10.49
C ARG B 69 -0.45 8.20 -9.93
N VAL B 70 -0.52 8.83 -8.75
CA VAL B 70 -1.77 9.00 -8.05
C VAL B 70 -2.83 9.61 -8.94
N VAL B 71 -2.59 10.78 -9.49
CA VAL B 71 -3.67 11.43 -10.24
C VAL B 71 -3.96 10.71 -11.57
N PRO B 72 -3.00 10.75 -12.55
CA PRO B 72 -3.18 10.07 -13.84
C PRO B 72 -3.60 8.64 -13.67
N GLY B 73 -3.13 7.99 -12.59
CA GLY B 73 -3.46 6.59 -12.29
C GLY B 73 -4.75 6.26 -11.54
N ARG B 74 -5.48 7.27 -11.05
CA ARG B 74 -6.73 7.09 -10.26
C ARG B 74 -6.52 6.15 -9.07
N CYS B 75 -5.44 6.40 -8.31
CA CYS B 75 -5.05 5.47 -7.24
C CYS B 75 -4.23 6.15 -6.16
N SER B 76 -4.87 6.39 -5.02
CA SER B 76 -4.26 7.19 -3.94
C SER B 76 -3.08 6.48 -3.32
N ALA B 77 -2.97 5.18 -3.56
CA ALA B 77 -1.88 4.41 -3.03
C ALA B 77 -0.71 4.30 -3.99
N ALA B 78 -0.77 4.99 -5.14
CA ALA B 78 0.33 4.94 -6.08
C ALA B 78 1.39 5.98 -5.83
N HIS B 79 1.88 6.02 -4.59
CA HIS B 79 3.10 6.72 -4.24
C HIS B 79 4.31 6.03 -4.82
N ALA B 80 5.35 6.80 -5.09
CA ALA B 80 6.57 6.29 -5.70
C ALA B 80 7.06 5.04 -4.96
N GLU B 81 7.07 5.11 -3.63
CA GLU B 81 7.56 4.00 -2.77
C GLU B 81 6.86 2.63 -3.00
N ILE B 82 5.52 2.69 -3.06
CA ILE B 82 4.67 1.53 -3.30
C ILE B 82 5.02 0.81 -4.61
N LEU B 83 5.15 1.58 -5.68
CA LEU B 83 5.27 0.93 -6.98
C LEU B 83 6.66 0.39 -7.08
N ALA B 84 7.63 1.18 -6.64
CA ALA B 84 9.03 0.77 -6.72
C ALA B 84 9.24 -0.53 -5.92
N LEU B 85 8.72 -0.58 -4.69
CA LEU B 85 8.75 -1.79 -3.90
C LEU B 85 8.01 -2.96 -4.53
N SER B 86 6.75 -2.77 -4.89
CA SER B 86 5.93 -3.84 -5.46
C SER B 86 6.43 -4.35 -6.79
N LEU B 87 6.95 -3.46 -7.64
CA LEU B 87 7.56 -3.89 -8.90
C LEU B 87 8.88 -4.64 -8.68
N ALA B 88 9.58 -4.32 -7.59
CA ALA B 88 10.84 -5.00 -7.26
C ALA B 88 10.60 -6.45 -6.84
N GLN B 89 9.60 -6.67 -5.99
CA GLN B 89 9.15 -7.99 -5.55
C GLN B 89 8.54 -8.83 -6.69
N ALA B 90 7.85 -8.19 -7.65
CA ALA B 90 7.44 -8.89 -8.88
C ALA B 90 8.65 -9.44 -9.60
N LYS B 91 9.59 -8.56 -9.92
CA LYS B 91 10.75 -8.94 -10.70
C LYS B 91 11.56 -10.07 -10.02
N LEU B 92 11.65 -10.05 -8.68
CA LEU B 92 12.41 -11.05 -7.93
C LEU B 92 11.62 -12.31 -7.55
N ASP B 93 10.37 -12.40 -8.03
CA ASP B 93 9.44 -13.48 -7.67
C ASP B 93 9.23 -13.73 -6.15
N THR B 94 9.17 -12.67 -5.35
CA THR B 94 8.83 -12.82 -3.95
C THR B 94 8.28 -11.52 -3.38
N HIS B 95 7.35 -11.64 -2.42
CA HIS B 95 6.82 -10.50 -1.65
C HIS B 95 7.77 -10.03 -0.55
N ASP B 96 8.84 -10.77 -0.32
CA ASP B 96 9.77 -10.37 0.71
C ASP B 96 11.12 -10.23 0.08
N LEU B 97 11.66 -9.01 0.13
CA LEU B 97 12.92 -8.68 -0.51
C LEU B 97 14.10 -9.11 0.34
N SER B 98 13.84 -9.78 1.45
CA SER B 98 14.93 -10.20 2.30
C SER B 98 14.83 -11.69 2.60
N ALA B 99 14.07 -12.40 1.77
CA ALA B 99 14.02 -13.88 1.79
C ALA B 99 15.41 -14.47 1.52
N ASP B 100 15.76 -15.53 2.25
CA ASP B 100 17.04 -16.22 2.09
C ASP B 100 17.48 -16.34 0.60
N GLY B 101 18.73 -15.98 0.33
CA GLY B 101 19.31 -16.09 -1.01
C GLY B 101 19.35 -14.79 -1.76
N LEU B 102 18.42 -13.88 -1.47
CA LEU B 102 18.35 -12.59 -2.14
C LEU B 102 19.37 -11.57 -1.64
N PRO B 103 20.07 -10.90 -2.55
CA PRO B 103 20.98 -9.87 -2.07
C PRO B 103 20.21 -8.72 -1.42
N ALA B 104 20.78 -8.17 -0.36
CA ALA B 104 20.18 -7.05 0.40
C ALA B 104 19.66 -5.93 -0.51
N CYS B 105 18.46 -5.43 -0.20
CA CYS B 105 17.79 -4.44 -1.03
C CYS B 105 17.60 -3.09 -0.37
N GLU B 106 17.72 -2.05 -1.20
CA GLU B 106 17.73 -0.67 -0.76
C GLU B 106 16.67 0.06 -1.56
N LEU B 107 15.92 0.92 -0.87
CA LEU B 107 14.96 1.80 -1.51
C LEU B 107 15.52 3.21 -1.42
N VAL B 108 15.86 3.73 -2.59
CA VAL B 108 16.34 5.09 -2.65
C VAL B 108 15.14 5.89 -3.13
N THR B 109 14.73 6.82 -2.29
CA THR B 109 13.61 7.69 -2.58
C THR B 109 13.97 9.19 -2.59
N SER B 110 13.21 9.96 -3.35
CA SER B 110 13.44 11.41 -3.55
C SER B 110 13.06 12.27 -2.38
N ALA B 111 12.08 11.82 -1.59
CA ALA B 111 11.63 12.49 -0.37
C ALA B 111 11.36 11.44 0.73
N GLU B 112 11.47 11.87 2.00
CA GLU B 112 11.06 11.05 3.15
C GLU B 112 9.64 10.53 3.02
N PRO B 113 9.36 9.33 3.57
CA PRO B 113 8.07 8.74 3.31
C PRO B 113 6.94 9.15 4.25
N CYS B 114 5.73 9.21 3.66
CA CYS B 114 4.47 9.43 4.36
C CYS B 114 4.13 8.19 5.19
N VAL B 115 3.20 8.34 6.12
CA VAL B 115 2.80 7.23 6.97
C VAL B 115 2.55 5.93 6.21
N MET B 116 1.88 6.02 5.05
CA MET B 116 1.45 4.82 4.30
C MET B 116 2.67 4.10 3.79
N CYS B 117 3.51 4.85 3.10
CA CYS B 117 4.74 4.33 2.57
C CYS B 117 5.66 3.88 3.67
N PHE B 118 5.60 4.56 4.82
CA PHE B 118 6.36 4.18 6.00
C PHE B 118 6.07 2.76 6.38
N GLY B 119 4.79 2.38 6.44
CA GLY B 119 4.43 0.96 6.61
C GLY B 119 4.91 0.08 5.45
N ALA B 120 4.83 0.60 4.23
CA ALA B 120 5.12 -0.19 3.05
C ALA B 120 6.55 -0.64 3.11
N VAL B 121 7.42 0.28 3.54
CA VAL B 121 8.84 0.04 3.59
C VAL B 121 9.13 -1.04 4.59
N ILE B 122 8.41 -1.03 5.71
CA ILE B 122 8.61 -2.06 6.70
C ILE B 122 8.31 -3.48 6.20
N TRP B 123 7.07 -3.73 5.77
CA TRP B 123 6.71 -5.07 5.22
C TRP B 123 7.48 -5.50 4.00
N SER B 124 8.19 -4.60 3.35
CA SER B 124 8.74 -4.84 2.01
C SER B 124 9.92 -5.84 1.92
N GLY B 125 10.73 -5.90 2.98
CA GLY B 125 11.94 -6.74 2.94
C GLY B 125 13.18 -5.94 2.59
N VAL B 126 12.99 -4.65 2.36
CA VAL B 126 14.07 -3.73 2.03
C VAL B 126 14.93 -3.48 3.30
N ARG B 127 16.24 -3.30 3.11
CA ARG B 127 17.19 -3.28 4.23
C ARG B 127 17.74 -1.89 4.50
N SER B 128 17.49 -0.96 3.59
CA SER B 128 17.84 0.43 3.82
C SER B 128 16.96 1.43 3.07
N LEU B 129 17.02 2.65 3.56
CA LEU B 129 16.24 3.74 3.06
C LEU B 129 17.16 4.98 2.95
N VAL B 130 17.22 5.53 1.74
CA VAL B 130 18.05 6.67 1.49
C VAL B 130 17.10 7.71 0.95
N CYS B 131 16.97 8.82 1.65
CA CYS B 131 16.09 9.89 1.19
C CYS B 131 16.88 11.11 0.71
N ALA B 132 16.20 11.97 -0.04
CA ALA B 132 16.75 13.23 -0.54
C ALA B 132 16.17 14.37 0.27
N ALA B 133 14.95 14.81 -0.07
CA ALA B 133 14.24 15.85 0.67
C ALA B 133 13.81 15.40 2.08
N ARG B 134 13.74 16.35 3.01
CA ARG B 134 13.24 16.10 4.34
C ARG B 134 11.71 16.14 4.30
N SER B 135 11.07 15.84 5.43
CA SER B 135 9.64 16.00 5.58
C SER B 135 9.14 17.44 5.58
N ASP B 136 9.94 18.39 6.10
CA ASP B 136 9.66 19.82 6.02
C ASP B 136 9.48 20.18 4.57
N ASP B 137 10.47 19.80 3.76
CA ASP B 137 10.54 20.16 2.37
C ASP B 137 9.27 19.71 1.70
N VAL B 138 8.86 18.49 2.03
CA VAL B 138 7.66 17.90 1.47
C VAL B 138 6.40 18.66 1.91
N GLU B 139 6.27 18.95 3.19
CA GLU B 139 5.04 19.55 3.63
C GLU B 139 5.19 21.05 3.56
N ALA B 140 5.95 21.53 2.58
CA ALA B 140 6.13 22.95 2.32
C ALA B 140 5.96 23.22 0.83
N ILE B 141 5.56 22.21 0.08
CA ILE B 141 5.10 22.43 -1.27
C ILE B 141 3.69 21.83 -1.36
N GLY B 142 3.08 21.57 -0.21
CA GLY B 142 1.68 21.16 -0.16
C GLY B 142 1.35 19.70 0.11
N PHE B 143 2.32 18.80 0.06
CA PHE B 143 2.04 17.38 0.27
C PHE B 143 2.07 16.97 1.75
N ASP B 144 1.08 16.18 2.18
CA ASP B 144 0.93 15.80 3.60
C ASP B 144 1.66 14.45 3.89
N GLU B 145 2.53 14.43 4.90
CA GLU B 145 3.19 13.17 5.29
C GLU B 145 2.29 12.33 6.17
N GLY B 146 1.26 12.94 6.73
CA GLY B 146 0.33 12.18 7.55
C GLY B 146 0.91 11.85 8.92
N PRO B 147 0.04 11.31 9.82
CA PRO B 147 0.44 11.06 11.21
C PRO B 147 1.32 9.79 11.36
N ARG B 148 2.63 9.96 11.24
CA ARG B 148 3.55 8.87 11.48
C ARG B 148 3.80 8.73 12.98
N PRO B 149 4.29 7.55 13.44
CA PRO B 149 4.63 7.46 14.87
C PRO B 149 5.80 8.38 15.21
N GLU B 150 5.83 8.95 16.41
CA GLU B 150 6.96 9.77 16.79
C GLU B 150 8.19 8.88 16.65
N ASN B 151 9.22 9.39 15.99
CA ASN B 151 10.45 8.62 15.75
C ASN B 151 10.23 7.45 14.79
N TRP B 152 9.82 7.80 13.57
CA TRP B 152 9.64 6.83 12.50
C TRP B 152 10.99 6.35 12.01
N MET B 153 11.98 7.23 12.05
CA MET B 153 13.36 6.82 11.80
C MET B 153 13.79 5.63 12.66
N GLY B 154 13.82 5.83 13.98
CA GLY B 154 14.13 4.76 14.94
C GLY B 154 13.26 3.55 14.70
N GLY B 155 11.99 3.76 14.32
CA GLY B 155 11.06 2.68 14.09
C GLY B 155 11.49 1.75 12.96
N LEU B 156 12.06 2.35 11.92
CA LEU B 156 12.60 1.61 10.78
C LEU B 156 13.95 1.05 11.13
N GLU B 157 14.78 1.85 11.79
CA GLU B 157 16.11 1.38 12.16
C GLU B 157 15.98 0.16 13.06
N ALA B 158 14.94 0.15 13.91
CA ALA B 158 14.70 -0.95 14.85
C ALA B 158 14.22 -2.29 14.22
N ARG B 159 14.25 -2.42 12.89
CA ARG B 159 13.91 -3.69 12.25
C ARG B 159 14.77 -3.97 11.03
N GLY B 160 16.05 -3.66 11.15
CA GLY B 160 17.03 -4.03 10.14
C GLY B 160 17.10 -3.12 8.95
N ILE B 161 16.38 -2.00 8.99
CA ILE B 161 16.36 -1.05 7.88
C ILE B 161 17.07 0.24 8.30
N THR B 162 18.19 0.57 7.66
CA THR B 162 18.93 1.76 8.09
C THR B 162 18.49 2.99 7.29
N VAL B 163 18.31 4.10 7.99
CA VAL B 163 17.78 5.34 7.36
C VAL B 163 18.90 6.35 7.13
N THR B 164 18.88 7.02 5.98
CA THR B 164 19.81 8.09 5.64
C THR B 164 18.93 9.17 5.06
N THR B 165 19.30 10.43 5.24
CA THR B 165 18.57 11.55 4.63
C THR B 165 19.49 12.68 4.18
N GLY B 166 18.88 13.64 3.47
CA GLY B 166 19.53 14.88 3.05
C GLY B 166 20.42 14.63 1.87
N LEU B 167 20.45 13.39 1.39
CA LEU B 167 21.39 13.06 0.34
C LEU B 167 20.91 13.68 -0.98
N LEU B 168 21.69 14.62 -1.51
CA LEU B 168 21.29 15.40 -2.67
C LEU B 168 19.95 16.09 -2.42
N ARG B 169 19.77 16.54 -1.18
CA ARG B 169 18.57 17.25 -0.74
C ARG B 169 18.31 18.49 -1.59
N ASP B 170 19.38 19.27 -1.80
CA ASP B 170 19.32 20.54 -2.54
C ASP B 170 18.80 20.40 -3.97
N ALA B 171 19.34 19.43 -4.70
CA ALA B 171 18.94 19.18 -6.08
C ALA B 171 17.50 18.69 -6.16
N ALA B 172 17.10 17.94 -5.14
CA ALA B 172 15.74 17.44 -5.00
C ALA B 172 14.77 18.58 -4.67
N CYS B 173 15.25 19.59 -3.94
CA CYS B 173 14.45 20.77 -3.60
C CYS B 173 14.28 21.68 -4.78
N ALA B 174 15.33 21.78 -5.57
CA ALA B 174 15.24 22.47 -6.84
C ALA B 174 14.05 21.88 -7.56
N LEU B 175 14.02 20.56 -7.64
CA LEU B 175 12.98 19.90 -8.38
C LEU B 175 11.59 20.16 -7.77
N LEU B 176 11.49 20.06 -6.44
CA LEU B 176 10.26 20.39 -5.70
C LEU B 176 9.76 21.82 -5.98
N ARG B 177 10.68 22.77 -5.82
CA ARG B 177 10.35 24.18 -6.01
C ARG B 177 9.86 24.50 -7.44
N GLU B 178 10.37 23.79 -8.44
CA GLU B 178 9.99 24.05 -9.84
C GLU B 178 8.55 23.60 -10.06
N TYR B 179 8.23 22.42 -9.52
CA TYR B 179 6.89 21.90 -9.58
C TYR B 179 5.93 22.83 -8.86
N ASN B 180 6.26 23.18 -7.61
CA ASN B 180 5.46 24.11 -6.83
C ASN B 180 5.30 25.49 -7.51
N ALA B 181 6.35 25.96 -8.19
CA ALA B 181 6.25 27.12 -9.05
C ALA B 181 5.19 26.94 -10.16
N CYS B 182 4.90 25.71 -10.57
CA CYS B 182 4.00 25.48 -11.70
C CYS B 182 2.83 24.51 -11.44
ZN ZN C . -2.47 -3.45 6.07
OAC 6AM D . 3.58 10.75 -3.13
CAI 6AM D . 3.83 11.31 -1.90
NAF 6AM D . 2.81 11.89 -1.22
NAE 6AM D . 5.10 11.25 -1.37
CAG 6AM D . 5.36 11.76 -0.15
NAA 6AM D . 6.69 11.72 0.39
NAD 6AM D . 4.34 12.33 0.52
CAH 6AM D . 3.06 12.40 0.00
NAB 6AM D . 1.98 13.01 0.73
ZN ZN E . 3.54 7.70 0.48
#